data_4IT7
#
_entry.id   4IT7
#
_cell.length_a   43.510
_cell.length_b   44.499
_cell.length_c   44.582
_cell.angle_alpha   90.000
_cell.angle_beta   89.990
_cell.angle_gamma   90.000
#
_symmetry.space_group_name_H-M   'P 1'
#
loop_
_entity.id
_entity.type
_entity.pdbx_description
1 polymer CPI
2 water water
#
_entity_poly.entity_id   1
_entity_poly.type   'polypeptide(L)'
_entity_poly.pdbx_seq_one_letter_code
;GQVGVPGGFSTKDVNDPKIQALAGKALQRINAASNDLFQQTIVKVISAKTQVVAGTNTVLELLIAPTSCRKNETSAGNCE
AVSNGTKQICTVAIWEKPWENFEEITIKECKSA
;
_entity_poly.pdbx_strand_id   A,B,C,D
#
# COMPACT_ATOMS: atom_id res chain seq x y z
N GLY A 7 7.26 -9.20 7.45
CA GLY A 7 8.44 -9.76 6.73
C GLY A 7 9.62 -8.79 6.74
N GLY A 8 9.42 -7.60 6.17
CA GLY A 8 10.48 -6.61 6.05
C GLY A 8 9.92 -5.20 6.00
N PHE A 9 10.83 -4.24 6.06
CA PHE A 9 10.43 -2.85 6.15
C PHE A 9 9.98 -2.22 4.86
N SER A 10 9.06 -1.28 4.95
CA SER A 10 8.65 -0.51 3.77
C SER A 10 8.69 1.03 3.99
N THR A 11 9.35 1.73 3.06
CA THR A 11 9.55 3.17 3.10
C THR A 11 8.22 3.86 3.23
N LYS A 12 8.20 4.94 3.97
CA LYS A 12 6.97 5.60 4.25
C LYS A 12 7.27 7.07 4.06
N ASP A 13 6.25 7.87 3.80
CA ASP A 13 6.47 9.27 3.50
C ASP A 13 6.56 10.14 4.76
N VAL A 14 7.60 10.96 4.82
CA VAL A 14 7.91 11.71 6.04
C VAL A 14 6.92 12.84 6.29
N ASN A 15 6.01 13.07 5.35
CA ASN A 15 4.96 14.11 5.52
C ASN A 15 3.58 13.52 5.82
N ASP A 16 3.48 12.19 5.82
CA ASP A 16 2.30 11.54 6.35
C ASP A 16 1.90 12.16 7.70
N PRO A 17 0.61 12.51 7.85
CA PRO A 17 0.15 13.18 9.06
C PRO A 17 0.37 12.31 10.29
N LYS A 18 0.24 10.99 10.13
CA LYS A 18 0.57 10.07 11.20
C LYS A 18 2.09 10.00 11.50
N ILE A 19 2.95 10.03 10.48
CA ILE A 19 4.40 10.02 10.71
C ILE A 19 4.80 11.27 11.48
N GLN A 20 4.32 12.44 11.07
CA GLN A 20 4.56 13.69 11.78
C GLN A 20 4.19 13.63 13.30
N ALA A 21 2.96 13.22 13.60
CA ALA A 21 2.47 12.97 14.98
C ALA A 21 3.44 12.10 15.73
N LEU A 22 3.82 10.97 15.12
CA LEU A 22 4.76 10.11 15.79
C LEU A 22 6.14 10.76 16.07
N ALA A 23 6.69 11.52 15.09
CA ALA A 23 7.98 12.24 15.27
C ALA A 23 7.84 13.20 16.48
N GLY A 24 6.70 13.87 16.58
CA GLY A 24 6.44 14.82 17.63
C GLY A 24 6.54 14.14 18.96
N LYS A 25 5.99 12.95 19.04
CA LYS A 25 5.95 12.22 20.29
C LYS A 25 7.34 11.71 20.58
N ALA A 26 8.08 11.33 19.54
CA ALA A 26 9.44 10.81 19.77
C ALA A 26 10.35 11.96 20.29
N LEU A 27 10.09 13.20 19.83
CA LEU A 27 10.80 14.37 20.33
C LEU A 27 10.56 14.61 21.83
N GLN A 28 9.29 14.61 22.26
CA GLN A 28 8.99 14.74 23.67
C GLN A 28 9.72 13.69 24.48
N ARG A 29 9.79 12.49 23.95
CA ARG A 29 10.54 11.45 24.61
C ARG A 29 12.05 11.74 24.64
N ILE A 30 12.64 12.19 23.54
CA ILE A 30 14.06 12.54 23.54
C ILE A 30 14.30 13.61 24.59
N ASN A 31 13.49 14.63 24.62
CA ASN A 31 13.70 15.73 25.54
C ASN A 31 13.54 15.32 27.01
N ALA A 32 12.53 14.47 27.30
CA ALA A 32 12.23 13.93 28.67
C ALA A 32 13.38 13.11 29.26
N ALA A 33 14.01 12.32 28.40
CA ALA A 33 15.09 11.41 28.78
C ALA A 33 16.54 12.00 28.67
N SER A 34 16.72 13.03 27.86
CA SER A 34 18.04 13.58 27.54
C SER A 34 18.66 14.30 28.75
N ASN A 35 19.97 14.12 28.99
CA ASN A 35 20.73 14.90 30.01
C ASN A 35 20.86 16.39 29.75
N ASP A 36 20.58 16.80 28.52
CA ASP A 36 20.73 18.19 28.11
C ASP A 36 19.75 19.05 28.94
N LEU A 37 20.16 20.25 29.33
CA LEU A 37 19.29 21.20 30.03
C LEU A 37 18.34 21.89 29.08
N PHE A 38 18.70 21.94 27.81
CA PHE A 38 17.92 22.72 26.80
C PHE A 38 17.10 21.75 25.92
N GLN A 39 15.85 22.12 25.67
CA GLN A 39 14.98 21.42 24.74
C GLN A 39 15.62 21.34 23.38
N GLN A 40 15.34 20.23 22.69
CA GLN A 40 15.75 20.03 21.31
C GLN A 40 14.49 20.16 20.46
N THR A 41 14.68 20.45 19.17
CA THR A 41 13.56 20.58 18.29
C THR A 41 13.89 19.76 17.06
N ILE A 42 12.85 19.38 16.33
CA ILE A 42 13.04 18.61 15.11
C ILE A 42 13.35 19.64 14.02
N VAL A 43 14.46 19.46 13.35
CA VAL A 43 14.70 20.15 12.08
C VAL A 43 13.92 19.47 10.94
N LYS A 44 14.18 18.18 10.76
CA LYS A 44 13.38 17.42 9.82
C LYS A 44 13.33 15.92 10.13
N VAL A 45 12.25 15.32 9.65
CA VAL A 45 12.19 13.89 9.65
C VAL A 45 13.02 13.44 8.43
N ILE A 46 14.20 12.90 8.66
CA ILE A 46 15.08 12.40 7.56
C ILE A 46 14.44 11.19 6.85
N SER A 47 14.03 10.17 7.61
CA SER A 47 13.34 9.03 7.00
C SER A 47 12.30 8.36 7.91
N ALA A 48 11.49 7.47 7.32
CA ALA A 48 10.43 6.78 8.03
C ALA A 48 10.17 5.49 7.33
N LYS A 49 10.04 4.40 8.08
CA LYS A 49 9.79 3.11 7.48
C LYS A 49 9.04 2.22 8.45
N THR A 50 8.05 1.51 7.93
CA THR A 50 7.18 0.68 8.77
C THR A 50 7.24 -0.80 8.36
N GLN A 51 7.22 -1.67 9.37
CA GLN A 51 6.98 -3.05 9.16
C GLN A 51 5.79 -3.48 9.99
N VAL A 52 5.22 -4.63 9.63
CA VAL A 52 3.94 -5.06 10.18
C VAL A 52 3.93 -6.56 10.44
N VAL A 53 5.05 -7.08 10.95
CA VAL A 53 5.11 -8.49 11.33
C VAL A 53 4.38 -8.78 12.66
N ALA A 54 4.53 -7.91 13.67
CA ALA A 54 3.80 -8.09 14.94
C ALA A 54 3.34 -6.77 15.49
N GLY A 55 2.14 -6.33 15.10
CA GLY A 55 1.76 -4.93 15.31
C GLY A 55 2.60 -4.07 14.35
N THR A 56 2.49 -2.75 14.41
CA THR A 56 3.27 -1.88 13.52
C THR A 56 4.52 -1.39 14.22
N ASN A 57 5.67 -1.60 13.55
CA ASN A 57 6.91 -0.99 13.96
C ASN A 57 7.40 0.05 12.97
N THR A 58 7.42 1.29 13.44
CA THR A 58 7.88 2.43 12.66
C THR A 58 9.26 2.93 13.13
N VAL A 59 10.23 3.01 12.22
CA VAL A 59 11.56 3.50 12.57
C VAL A 59 11.74 4.82 11.86
N LEU A 60 12.06 5.83 12.66
CA LEU A 60 12.24 7.19 12.19
C LEU A 60 13.66 7.62 12.44
N GLU A 61 14.17 8.44 11.52
CA GLU A 61 15.40 9.15 11.74
C GLU A 61 15.01 10.59 11.77
N LEU A 62 15.34 11.25 12.88
CA LEU A 62 15.02 12.63 13.11
C LEU A 62 16.30 13.41 13.16
N LEU A 63 16.31 14.54 12.45
CA LEU A 63 17.40 15.48 12.57
C LEU A 63 16.95 16.53 13.58
N ILE A 64 17.68 16.68 14.68
CA ILE A 64 17.23 17.57 15.75
C ILE A 64 18.30 18.62 16.07
N ALA A 65 17.84 19.79 16.56
CA ALA A 65 18.76 20.87 16.95
C ALA A 65 18.44 21.41 18.34
N PRO A 66 19.46 21.94 19.06
CA PRO A 66 19.16 22.59 20.36
C PRO A 66 18.38 23.85 20.15
N THR A 67 17.62 24.24 21.15
CA THR A 67 16.88 25.52 21.15
C THR A 67 17.42 26.28 22.33
N SER A 68 16.87 27.47 22.61
CA SER A 68 17.24 28.15 23.85
C SER A 68 16.19 28.00 24.97
N CYS A 69 15.24 27.13 24.74
CA CYS A 69 14.24 26.82 25.71
C CYS A 69 14.84 25.87 26.73
N ARG A 70 14.95 26.34 27.96
CA ARG A 70 15.52 25.54 29.00
C ARG A 70 14.47 24.59 29.44
N LYS A 71 14.86 23.37 29.74
CA LYS A 71 13.99 22.36 30.29
C LYS A 71 13.51 22.73 31.70
N ASN A 72 14.25 23.58 32.37
CA ASN A 72 13.90 24.00 33.72
C ASN A 72 12.94 25.14 33.74
N GLU A 73 12.16 25.27 32.69
CA GLU A 73 11.29 26.40 32.55
C GLU A 73 9.93 26.08 32.02
N THR A 74 9.31 27.10 31.49
CA THR A 74 8.06 27.00 30.80
C THR A 74 8.00 28.13 29.79
N SER A 75 8.52 27.85 28.61
CA SER A 75 8.66 28.81 27.54
C SER A 75 7.36 29.35 27.02
N ALA A 76 7.38 30.61 26.64
CA ALA A 76 6.24 31.32 26.09
C ALA A 76 5.77 30.92 24.68
N GLY A 77 6.42 29.96 24.05
CA GLY A 77 5.95 29.54 22.75
C GLY A 77 6.60 28.40 22.02
N ASN A 78 6.77 28.57 20.72
CA ASN A 78 7.55 27.66 19.93
C ASN A 78 8.97 27.75 20.42
N CYS A 79 9.72 26.67 20.25
CA CYS A 79 11.10 26.72 20.58
C CYS A 79 11.93 26.57 19.34
N GLU A 80 12.61 27.64 18.94
CA GLU A 80 13.33 27.62 17.67
C GLU A 80 14.79 27.19 17.70
N ALA A 81 15.15 26.37 16.74
CA ALA A 81 16.52 25.88 16.54
C ALA A 81 17.46 27.07 16.50
N VAL A 82 18.66 26.87 16.99
CA VAL A 82 19.63 27.93 17.09
C VAL A 82 20.90 27.61 16.29
N SER A 83 21.48 28.64 15.70
CA SER A 83 22.67 28.55 14.85
C SER A 83 23.65 27.47 15.24
N ASN A 84 24.17 27.52 16.45
CA ASN A 84 24.95 26.40 16.94
C ASN A 84 24.54 25.93 18.33
N GLY A 85 23.80 24.85 18.33
CA GLY A 85 23.35 24.31 17.07
C GLY A 85 24.01 23.05 16.59
N THR A 86 24.77 22.38 17.44
CA THR A 86 25.18 21.04 17.12
C THR A 86 23.98 20.13 16.99
N LYS A 87 23.60 19.88 15.77
CA LYS A 87 22.51 19.01 15.41
C LYS A 87 22.82 17.53 15.72
N GLN A 88 21.77 16.76 16.00
CA GLN A 88 21.93 15.31 16.14
C GLN A 88 20.97 14.61 15.23
N ILE A 89 21.31 13.35 14.94
CA ILE A 89 20.40 12.40 14.28
C ILE A 89 20.09 11.27 15.25
N CYS A 90 18.79 11.12 15.49
CA CYS A 90 18.32 10.15 16.44
C CYS A 90 17.48 9.18 15.63
N THR A 91 17.80 7.88 15.79
CA THR A 91 17.00 6.77 15.36
C THR A 91 16.03 6.39 16.51
N VAL A 92 14.74 6.38 16.16
CA VAL A 92 13.65 6.15 17.08
C VAL A 92 12.77 5.05 16.48
N ALA A 93 12.39 4.07 17.32
CA ALA A 93 11.47 3.00 16.95
C ALA A 93 10.19 3.15 17.77
N ILE A 94 9.08 3.18 17.06
CA ILE A 94 7.82 3.19 17.70
C ILE A 94 6.99 1.95 17.37
N TRP A 95 6.54 1.28 18.43
CA TRP A 95 5.91 -0.02 18.35
C TRP A 95 4.50 0.04 18.85
N GLU A 96 3.56 -0.27 17.97
CA GLU A 96 2.14 -0.22 18.32
C GLU A 96 1.40 -1.55 18.25
N LYS A 97 0.68 -1.85 19.32
CA LYS A 97 -0.15 -3.05 19.39
C LYS A 97 -1.50 -2.66 19.91
N PRO A 98 -2.42 -2.25 19.00
CA PRO A 98 -3.70 -1.62 19.42
C PRO A 98 -4.67 -2.60 20.13
N TRP A 99 -4.38 -3.90 20.10
CA TRP A 99 -5.14 -4.85 20.92
C TRP A 99 -4.68 -4.94 22.37
N GLU A 100 -3.45 -4.47 22.64
CA GLU A 100 -2.97 -4.32 24.02
C GLU A 100 -3.08 -2.87 24.43
N ASN A 101 -3.73 -2.07 23.58
CA ASN A 101 -3.74 -0.63 23.71
C ASN A 101 -2.33 -0.06 23.96
N PHE A 102 -1.35 -0.63 23.27
CA PHE A 102 0.06 -0.48 23.59
C PHE A 102 0.80 0.40 22.54
N GLU A 103 1.48 1.44 23.02
CA GLU A 103 2.35 2.21 22.13
C GLU A 103 3.61 2.47 22.87
N GLU A 104 4.69 1.84 22.43
CA GLU A 104 5.99 1.98 23.03
C GLU A 104 6.99 2.71 22.10
N ILE A 105 7.48 3.87 22.56
CA ILE A 105 8.50 4.65 21.81
C ILE A 105 9.92 4.42 22.40
N THR A 106 10.80 3.84 21.60
CA THR A 106 12.19 3.56 21.98
C THR A 106 13.14 4.50 21.26
N ILE A 107 13.89 5.32 21.99
CA ILE A 107 15.00 6.08 21.36
C ILE A 107 16.16 5.15 21.26
N LYS A 108 16.57 4.84 20.04
CA LYS A 108 17.52 3.77 19.78
C LYS A 108 18.97 4.24 19.90
N GLU A 109 19.22 5.45 19.44
CA GLU A 109 20.53 6.08 19.50
C GLU A 109 20.33 7.48 18.98
N CYS A 110 21.01 8.46 19.58
CA CYS A 110 21.31 9.78 18.97
C CYS A 110 22.84 9.97 18.75
N LYS A 111 23.23 10.66 17.70
CA LYS A 111 24.64 10.89 17.49
C LYS A 111 24.79 12.23 16.79
N SER A 112 25.98 12.82 16.90
CA SER A 112 26.32 14.09 16.25
C SER A 112 26.20 13.98 14.75
N ALA A 113 25.48 14.94 14.18
CA ALA A 113 25.42 15.10 12.76
C ALA A 113 26.16 16.38 12.42
N GLY B 7 -9.29 7.50 -15.31
CA GLY B 7 -10.72 7.81 -15.59
C GLY B 7 -11.67 7.05 -14.67
N GLY B 8 -11.63 5.73 -14.76
CA GLY B 8 -12.53 4.86 -14.00
C GLY B 8 -11.91 3.50 -13.73
N PHE B 9 -12.61 2.72 -12.92
CA PHE B 9 -12.09 1.45 -12.46
C PHE B 9 -12.24 0.34 -13.47
N SER B 10 -11.30 -0.59 -13.46
CA SER B 10 -11.41 -1.78 -14.31
C SER B 10 -11.17 -3.10 -13.52
N THR B 11 -12.11 -4.04 -13.66
CA THR B 11 -12.10 -5.33 -12.99
C THR B 11 -10.82 -6.05 -13.25
N LYS B 12 -10.33 -6.73 -12.24
CA LYS B 12 -9.07 -7.37 -12.31
C LYS B 12 -9.31 -8.76 -11.75
N ASP B 13 -8.45 -9.71 -12.12
CA ASP B 13 -8.62 -11.08 -11.73
C ASP B 13 -7.99 -11.36 -10.36
N VAL B 14 -8.78 -12.00 -9.50
CA VAL B 14 -8.41 -12.17 -8.10
C VAL B 14 -7.33 -13.23 -7.93
N ASN B 15 -6.96 -13.92 -9.02
CA ASN B 15 -5.84 -14.88 -8.96
C ASN B 15 -4.54 -14.33 -9.59
N ASP B 16 -4.60 -13.12 -10.12
CA ASP B 16 -3.37 -12.44 -10.53
C ASP B 16 -2.34 -12.54 -9.40
N PRO B 17 -1.09 -12.93 -9.76
CA PRO B 17 -0.07 -13.14 -8.75
C PRO B 17 0.22 -11.83 -8.00
N LYS B 18 0.12 -10.70 -8.69
CA LYS B 18 0.27 -9.42 -8.05
C LYS B 18 -0.94 -9.07 -7.12
N ILE B 19 -2.17 -9.39 -7.52
CA ILE B 19 -3.33 -9.14 -6.67
C ILE B 19 -3.19 -9.96 -5.39
N GLN B 20 -2.81 -11.22 -5.52
CA GLN B 20 -2.61 -12.09 -4.35
C GLN B 20 -1.59 -11.52 -3.33
N ALA B 21 -0.41 -11.13 -3.81
CA ALA B 21 0.65 -10.44 -3.03
C ALA B 21 0.04 -9.28 -2.33
N LEU B 22 -0.66 -8.41 -3.07
CA LEU B 22 -1.29 -7.26 -2.43
C LEU B 22 -2.31 -7.64 -1.30
N ALA B 23 -3.21 -8.60 -1.56
CA ALA B 23 -4.17 -9.13 -0.52
C ALA B 23 -3.42 -9.54 0.74
N GLY B 24 -2.30 -10.25 0.55
CA GLY B 24 -1.44 -10.71 1.63
C GLY B 24 -0.97 -9.55 2.46
N LYS B 25 -0.52 -8.50 1.78
CA LYS B 25 -0.01 -7.33 2.49
C LYS B 25 -1.14 -6.62 3.20
N ALA B 26 -2.33 -6.57 2.59
CA ALA B 26 -3.46 -5.87 3.21
C ALA B 26 -3.91 -6.65 4.49
N LEU B 27 -3.78 -7.97 4.47
CA LEU B 27 -4.10 -8.78 5.63
C LEU B 27 -3.17 -8.43 6.79
N GLN B 28 -1.84 -8.40 6.55
CA GLN B 28 -0.91 -8.05 7.61
C GLN B 28 -1.29 -6.70 8.18
N ARG B 29 -1.76 -5.82 7.31
CA ARG B 29 -2.20 -4.53 7.78
C ARG B 29 -3.46 -4.62 8.62
N ILE B 30 -4.43 -5.44 8.23
CA ILE B 30 -5.65 -5.57 9.01
C ILE B 30 -5.25 -6.11 10.38
N ASN B 31 -4.43 -7.13 10.41
CA ASN B 31 -4.05 -7.74 11.65
C ASN B 31 -3.28 -6.83 12.62
N ALA B 32 -2.34 -6.01 12.05
CA ALA B 32 -1.52 -5.02 12.82
C ALA B 32 -2.36 -3.91 13.46
N ALA B 33 -3.38 -3.45 12.74
CA ALA B 33 -4.26 -2.39 13.18
C ALA B 33 -5.49 -2.82 14.02
N SER B 34 -5.94 -4.08 13.88
CA SER B 34 -7.20 -4.58 14.49
C SER B 34 -7.09 -4.72 16.01
N ASN B 35 -8.16 -4.37 16.72
CA ASN B 35 -8.28 -4.61 18.17
C ASN B 35 -8.34 -6.08 18.60
N ASP B 36 -8.59 -6.94 17.65
CA ASP B 36 -8.78 -8.33 17.93
C ASP B 36 -7.46 -8.88 18.49
N LEU B 37 -7.53 -9.74 19.49
CA LEU B 37 -6.36 -10.48 19.98
C LEU B 37 -5.88 -11.56 19.02
N PHE B 38 -6.81 -12.10 18.24
CA PHE B 38 -6.52 -13.26 17.36
C PHE B 38 -6.29 -12.81 15.92
N GLN B 39 -5.28 -13.41 15.27
CA GLN B 39 -5.04 -13.17 13.83
C GLN B 39 -6.22 -13.56 13.00
N GLN B 40 -6.45 -12.78 11.94
CA GLN B 40 -7.41 -13.12 10.92
C GLN B 40 -6.65 -13.72 9.72
N THR B 41 -7.39 -14.45 8.88
CA THR B 41 -6.82 -15.00 7.68
C THR B 41 -7.77 -14.72 6.55
N ILE B 42 -7.23 -14.79 5.33
CA ILE B 42 -8.03 -14.50 4.14
C ILE B 42 -8.69 -15.85 3.81
N VAL B 43 -10.01 -15.84 3.74
CA VAL B 43 -10.76 -16.94 3.10
C VAL B 43 -10.67 -16.82 1.57
N LYS B 44 -11.11 -15.69 1.05
CA LYS B 44 -10.92 -15.44 -0.36
C LYS B 44 -10.88 -13.94 -0.69
N VAL B 45 -10.15 -13.63 -1.76
CA VAL B 45 -10.29 -12.35 -2.39
C VAL B 45 -11.62 -12.35 -3.19
N ILE B 46 -12.62 -11.66 -2.66
CA ILE B 46 -13.96 -11.53 -3.32
C ILE B 46 -13.87 -10.78 -4.66
N SER B 47 -13.18 -9.64 -4.67
CA SER B 47 -12.99 -8.85 -5.89
C SER B 47 -11.73 -7.96 -5.87
N ALA B 48 -11.42 -7.39 -7.04
CA ALA B 48 -10.21 -6.64 -7.27
C ALA B 48 -10.43 -5.75 -8.47
N LYS B 49 -10.09 -4.48 -8.32
CA LYS B 49 -10.28 -3.54 -9.39
C LYS B 49 -9.26 -2.42 -9.30
N THR B 50 -8.67 -2.08 -10.45
CA THR B 50 -7.63 -1.09 -10.52
C THR B 50 -8.04 0.09 -11.37
N GLN B 51 -7.70 1.28 -10.90
CA GLN B 51 -7.70 2.47 -11.71
C GLN B 51 -6.32 3.09 -11.75
N VAL B 52 -6.14 4.05 -12.64
CA VAL B 52 -4.80 4.37 -13.10
C VAL B 52 -4.77 5.84 -13.52
N VAL B 53 -5.54 6.65 -12.81
CA VAL B 53 -5.55 8.10 -13.01
C VAL B 53 -4.31 8.82 -12.41
N ALA B 54 -3.88 8.46 -11.19
CA ALA B 54 -2.69 9.05 -10.59
C ALA B 54 -1.86 7.99 -9.86
N GLY B 55 -0.97 7.31 -10.57
CA GLY B 55 -0.38 6.06 -10.05
C GLY B 55 -1.47 4.98 -10.03
N THR B 56 -1.17 3.75 -9.60
CA THR B 56 -2.20 2.71 -9.54
C THR B 56 -2.98 2.68 -8.21
N ASN B 57 -4.31 2.77 -8.29
CA ASN B 57 -5.17 2.45 -7.18
C ASN B 57 -5.96 1.15 -7.32
N THR B 58 -5.73 0.22 -6.40
CA THR B 58 -6.34 -1.09 -6.41
C THR B 58 -7.23 -1.27 -5.19
N VAL B 59 -8.52 -1.49 -5.40
CA VAL B 59 -9.45 -1.74 -4.32
C VAL B 59 -9.77 -3.23 -4.30
N LEU B 60 -9.57 -3.83 -3.14
CA LEU B 60 -9.83 -5.22 -2.95
C LEU B 60 -10.93 -5.38 -1.92
N GLU B 61 -11.70 -6.46 -2.09
CA GLU B 61 -12.64 -6.92 -1.08
C GLU B 61 -12.18 -8.29 -0.67
N LEU B 62 -11.90 -8.42 0.62
CA LEU B 62 -11.32 -9.59 1.22
C LEU B 62 -12.35 -10.20 2.17
N LEU B 63 -12.58 -11.49 2.01
CA LEU B 63 -13.40 -12.21 2.95
C LEU B 63 -12.41 -12.81 3.94
N ILE B 64 -12.51 -12.42 5.23
CA ILE B 64 -11.53 -12.89 6.21
C ILE B 64 -12.21 -13.63 7.38
N ALA B 65 -11.45 -14.54 8.02
CA ALA B 65 -11.98 -15.30 9.17
C ALA B 65 -10.99 -15.33 10.33
N PRO B 66 -11.48 -15.43 11.56
CA PRO B 66 -10.60 -15.53 12.71
C PRO B 66 -9.86 -16.82 12.73
N THR B 67 -8.73 -16.86 13.39
CA THR B 67 -8.01 -18.10 13.57
C THR B 67 -7.77 -18.25 15.04
N SER B 68 -7.03 -19.26 15.44
CA SER B 68 -6.72 -19.37 16.84
C SER B 68 -5.31 -18.97 17.18
N CYS B 69 -4.59 -18.50 16.19
CA CYS B 69 -3.32 -17.83 16.34
C CYS B 69 -3.50 -16.50 17.04
N ARG B 70 -3.03 -16.40 18.27
CA ARG B 70 -3.16 -15.19 19.05
C ARG B 70 -2.06 -14.29 18.56
N LYS B 71 -2.37 -12.99 18.43
CA LYS B 71 -1.35 -11.97 18.08
C LYS B 71 -0.25 -11.80 19.16
N ASN B 72 -0.52 -12.22 20.40
CA ASN B 72 0.47 -12.18 21.51
C ASN B 72 1.37 -13.39 21.55
N GLU B 73 1.65 -13.93 20.36
CA GLU B 73 2.39 -15.17 20.22
C GLU B 73 3.26 -15.17 18.97
N THR B 74 3.69 -16.36 18.61
CA THR B 74 4.49 -16.65 17.44
C THR B 74 4.15 -18.12 17.11
N SER B 75 3.16 -18.26 16.23
CA SER B 75 2.56 -19.53 15.83
C SER B 75 3.56 -20.44 15.14
N ALA B 76 3.48 -21.75 15.41
CA ALA B 76 4.34 -22.76 14.76
C ALA B 76 4.16 -22.87 13.20
N GLY B 77 3.18 -22.16 12.63
CA GLY B 77 3.03 -22.11 11.17
C GLY B 77 1.90 -21.31 10.53
N ASN B 78 1.22 -21.97 9.59
CA ASN B 78 0.00 -21.49 8.99
C ASN B 78 -1.07 -21.21 10.03
N CYS B 79 -1.85 -20.17 9.79
CA CYS B 79 -2.92 -19.90 10.72
C CYS B 79 -4.30 -20.18 10.10
N GLU B 80 -4.92 -21.29 10.52
CA GLU B 80 -6.16 -21.78 9.86
C GLU B 80 -7.46 -21.19 10.36
N ALA B 81 -8.33 -20.81 9.41
CA ALA B 81 -9.67 -20.29 9.72
C ALA B 81 -10.37 -21.31 10.59
N VAL B 82 -11.17 -20.81 11.51
CA VAL B 82 -11.85 -21.68 12.42
C VAL B 82 -13.35 -21.54 12.21
N SER B 83 -14.04 -22.65 12.36
CA SER B 83 -15.49 -22.74 12.16
C SER B 83 -16.30 -21.57 12.66
N ASN B 84 -16.10 -21.10 13.86
CA ASN B 84 -16.82 -19.89 14.20
C ASN B 84 -16.09 -18.71 14.77
N GLY B 85 -15.64 -17.89 13.86
CA GLY B 85 -15.59 -16.48 14.08
C GLY B 85 -16.59 -16.10 13.05
N THR B 86 -17.34 -15.05 13.30
CA THR B 86 -17.97 -14.37 12.23
C THR B 86 -16.84 -13.93 11.34
N LYS B 87 -16.97 -14.32 10.10
CA LYS B 87 -16.22 -13.84 8.97
C LYS B 87 -16.49 -12.34 8.73
N GLN B 88 -15.48 -11.59 8.29
CA GLN B 88 -15.68 -10.22 7.87
C GLN B 88 -15.35 -10.00 6.40
N ILE B 89 -15.89 -8.91 5.85
CA ILE B 89 -15.52 -8.38 4.53
C ILE B 89 -14.91 -7.01 4.70
N CYS B 90 -13.69 -6.91 4.19
CA CYS B 90 -12.90 -5.73 4.37
C CYS B 90 -12.63 -5.23 2.97
N THR B 91 -13.02 -3.96 2.75
CA THR B 91 -12.58 -3.14 1.64
C THR B 91 -11.23 -2.47 1.98
N VAL B 92 -10.29 -2.69 1.08
CA VAL B 92 -8.91 -2.24 1.21
C VAL B 92 -8.53 -1.56 -0.10
N ALA B 93 -7.91 -0.39 0.03
CA ALA B 93 -7.38 0.36 -1.10
C ALA B 93 -5.87 0.43 -0.98
N ILE B 94 -5.20 -0.01 -2.04
CA ILE B 94 -3.79 0.14 -2.12
C ILE B 94 -3.34 1.03 -3.28
N TRP B 95 -2.55 2.04 -2.91
CA TRP B 95 -2.14 3.14 -3.76
C TRP B 95 -0.67 3.15 -3.99
N GLU B 96 -0.30 3.05 -5.27
CA GLU B 96 1.11 2.94 -5.63
C GLU B 96 1.58 4.05 -6.55
N LYS B 97 2.72 4.66 -6.16
CA LYS B 97 3.36 5.74 -6.92
C LYS B 97 4.84 5.42 -6.97
N PRO B 98 5.27 4.61 -7.99
CA PRO B 98 6.63 4.06 -8.00
C PRO B 98 7.74 5.13 -8.25
N TRP B 99 7.35 6.33 -8.65
CA TRP B 99 8.33 7.45 -8.72
C TRP B 99 8.58 8.15 -7.38
N GLU B 100 7.68 7.95 -6.41
CA GLU B 100 7.88 8.41 -5.02
C GLU B 100 8.32 7.23 -4.16
N ASN B 101 8.54 6.09 -4.83
CA ASN B 101 8.78 4.81 -4.20
C ASN B 101 7.69 4.52 -3.14
N PHE B 102 6.47 4.88 -3.46
CA PHE B 102 5.42 5.00 -2.48
C PHE B 102 4.41 3.84 -2.64
N GLU B 103 4.10 3.18 -1.53
CA GLU B 103 2.97 2.23 -1.54
C GLU B 103 2.21 2.39 -0.25
N GLU B 104 1.01 2.92 -0.35
CA GLU B 104 0.18 3.14 0.79
C GLU B 104 -1.08 2.21 0.78
N ILE B 105 -1.23 1.42 1.84
CA ILE B 105 -2.39 0.49 2.03
C ILE B 105 -3.35 1.07 3.06
N THR B 106 -4.58 1.34 2.61
CA THR B 106 -5.65 1.89 3.44
C THR B 106 -6.76 0.84 3.68
N ILE B 107 -6.98 0.43 4.93
CA ILE B 107 -8.14 -0.41 5.22
C ILE B 107 -9.31 0.52 5.34
N LYS B 108 -10.26 0.39 4.44
CA LYS B 108 -11.31 1.35 4.23
C LYS B 108 -12.47 1.13 5.20
N GLU B 109 -12.80 -0.14 5.41
CA GLU B 109 -13.88 -0.58 6.32
C GLU B 109 -13.79 -2.09 6.36
N CYS B 110 -14.05 -2.66 7.53
CA CYS B 110 -14.43 -4.09 7.67
C CYS B 110 -15.84 -4.21 8.30
N LYS B 111 -16.61 -5.20 7.89
CA LYS B 111 -17.93 -5.37 8.47
C LYS B 111 -18.24 -6.85 8.48
N SER B 112 -19.18 -7.22 9.35
CA SER B 112 -19.65 -8.61 9.48
C SER B 112 -20.25 -9.10 8.18
N ALA B 113 -19.81 -10.27 7.79
CA ALA B 113 -20.38 -10.97 6.68
C ALA B 113 -21.05 -12.22 7.24
N GLY C 7 -11.24 -26.19 1.12
CA GLY C 7 -11.50 -24.79 1.46
C GLY C 7 -10.76 -23.83 0.54
N GLY C 8 -9.43 -23.88 0.60
CA GLY C 8 -8.57 -22.96 -0.16
C GLY C 8 -7.23 -23.59 -0.51
N PHE C 9 -6.49 -22.92 -1.37
CA PHE C 9 -5.22 -23.44 -1.86
C PHE C 9 -4.07 -23.33 -0.89
N SER C 10 -3.15 -24.25 -0.98
CA SER C 10 -1.95 -24.18 -0.18
C SER C 10 -0.65 -24.42 -1.02
N THR C 11 0.31 -23.52 -0.88
CA THR C 11 1.56 -23.50 -1.61
C THR C 11 2.26 -24.82 -1.44
N LYS C 12 2.89 -25.27 -2.50
CA LYS C 12 3.50 -26.55 -2.47
C LYS C 12 4.90 -26.34 -3.06
N ASP C 13 5.83 -27.23 -2.76
CA ASP C 13 7.19 -27.06 -3.22
C ASP C 13 7.38 -27.61 -4.63
N VAL C 14 8.01 -26.79 -5.47
CA VAL C 14 8.14 -27.11 -6.90
C VAL C 14 9.16 -28.20 -7.15
N ASN C 15 9.92 -28.59 -6.11
CA ASN C 15 10.86 -29.74 -6.23
C ASN C 15 10.33 -31.05 -5.63
N ASP C 16 9.14 -31.00 -5.03
CA ASP C 16 8.44 -32.23 -4.68
C ASP C 16 8.47 -33.23 -5.86
N PRO C 17 8.82 -34.50 -5.57
CA PRO C 17 8.98 -35.48 -6.63
C PRO C 17 7.66 -35.73 -7.33
N LYS C 18 6.56 -35.64 -6.59
CA LYS C 18 5.26 -35.74 -7.21
C LYS C 18 4.93 -34.49 -8.08
N ILE C 19 5.34 -33.29 -7.67
CA ILE C 19 5.03 -32.09 -8.45
C ILE C 19 5.80 -32.16 -9.77
N GLN C 20 7.05 -32.58 -9.71
CA GLN C 20 7.85 -32.75 -10.91
C GLN C 20 7.22 -33.73 -11.95
N ALA C 21 6.82 -34.92 -11.49
CA ALA C 21 6.04 -35.92 -12.26
C ALA C 21 4.84 -35.27 -12.90
N LEU C 22 4.02 -34.61 -12.09
CA LEU C 22 2.88 -33.91 -12.64
C LEU C 22 3.22 -32.85 -13.73
N ALA C 23 4.23 -31.98 -13.50
CA ALA C 23 4.73 -31.01 -14.54
C ALA C 23 5.08 -31.71 -15.84
N GLY C 24 5.76 -32.84 -15.73
CA GLY C 24 6.17 -33.65 -16.85
C GLY C 24 4.97 -34.06 -17.67
N LYS C 25 3.96 -34.54 -16.97
CA LYS C 25 2.75 -35.00 -17.63
C LYS C 25 2.03 -33.84 -18.25
N ALA C 26 2.04 -32.67 -17.60
CA ALA C 26 1.29 -31.53 -18.14
C ALA C 26 2.02 -31.02 -19.42
N LEU C 27 3.35 -31.17 -19.47
CA LEU C 27 4.15 -30.83 -20.62
C LEU C 27 3.81 -31.69 -21.84
N GLN C 28 3.73 -33.01 -21.65
CA GLN C 28 3.30 -33.91 -22.73
C GLN C 28 1.95 -33.52 -23.24
N ARG C 29 1.10 -33.08 -22.35
CA ARG C 29 -0.20 -32.61 -22.72
C ARG C 29 -0.11 -31.30 -23.50
N ILE C 30 0.74 -30.36 -23.09
CA ILE C 30 0.88 -29.09 -23.82
C ILE C 30 1.34 -29.40 -25.25
N ASN C 31 2.32 -30.27 -25.37
CA ASN C 31 2.88 -30.58 -26.64
C ASN C 31 1.92 -31.30 -27.56
N ALA C 32 1.11 -32.23 -26.98
CA ALA C 32 0.09 -33.03 -27.73
C ALA C 32 -1.00 -32.18 -28.35
N ALA C 33 -1.48 -31.21 -27.56
CA ALA C 33 -2.54 -30.28 -27.95
C ALA C 33 -2.10 -29.00 -28.72
N SER C 34 -0.83 -28.58 -28.60
CA SER C 34 -0.35 -27.32 -29.20
C SER C 34 -0.24 -27.36 -30.75
N ASN C 35 -0.65 -26.28 -31.40
CA ASN C 35 -0.45 -26.11 -32.86
C ASN C 35 1.00 -26.03 -33.31
N ASP C 36 1.90 -25.82 -32.38
CA ASP C 36 3.29 -25.64 -32.71
C ASP C 36 3.82 -26.96 -33.31
N LEU C 37 4.69 -26.86 -34.32
CA LEU C 37 5.35 -28.03 -34.91
C LEU C 37 6.49 -28.56 -34.06
N PHE C 38 7.03 -27.72 -33.18
CA PHE C 38 8.23 -28.05 -32.41
C PHE C 38 7.84 -28.31 -30.96
N GLN C 39 8.40 -29.36 -30.39
CA GLN C 39 8.24 -29.65 -28.96
C GLN C 39 8.67 -28.50 -28.10
N GLN C 40 7.93 -28.30 -27.01
CA GLN C 40 8.30 -27.37 -25.97
C GLN C 40 8.94 -28.16 -24.82
N THR C 41 9.72 -27.48 -23.98
CA THR C 41 10.34 -28.11 -22.84
C THR C 41 10.13 -27.22 -21.65
N ILE C 42 10.26 -27.80 -20.46
CA ILE C 42 10.01 -27.04 -19.24
C ILE C 42 11.37 -26.40 -18.91
N VAL C 43 11.35 -25.07 -18.73
CA VAL C 43 12.52 -24.40 -18.15
C VAL C 43 12.46 -24.54 -16.62
N LYS C 44 11.36 -24.11 -16.04
CA LYS C 44 11.15 -24.37 -14.64
C LYS C 44 9.67 -24.38 -14.27
N VAL C 45 9.41 -25.08 -13.18
CA VAL C 45 8.11 -24.98 -12.54
C VAL C 45 8.16 -23.70 -11.70
N ILE C 46 7.47 -22.65 -12.15
CA ILE C 46 7.41 -21.37 -11.45
C ILE C 46 6.71 -21.53 -10.08
N SER C 47 5.55 -22.20 -10.07
CA SER C 47 4.81 -22.41 -8.82
C SER C 47 3.90 -23.65 -8.84
N ALA C 48 3.40 -24.00 -7.65
CA ALA C 48 2.61 -25.20 -7.43
C ALA C 48 1.79 -24.96 -6.19
N LYS C 49 0.50 -25.27 -6.27
CA LYS C 49 -0.39 -25.13 -5.16
C LYS C 49 -1.51 -26.15 -5.24
N THR C 50 -1.82 -26.77 -4.11
CA THR C 50 -2.83 -27.79 -4.06
C THR C 50 -3.99 -27.42 -3.15
N GLN C 51 -5.18 -27.82 -3.57
CA GLN C 51 -6.33 -27.77 -2.73
C GLN C 51 -6.99 -29.13 -2.69
N VAL C 52 -7.81 -29.35 -1.68
CA VAL C 52 -8.29 -30.71 -1.37
C VAL C 52 -9.74 -30.70 -0.95
N VAL C 53 -10.54 -29.89 -1.61
CA VAL C 53 -11.97 -29.84 -1.33
C VAL C 53 -12.73 -31.06 -1.94
N ALA C 54 -12.42 -31.43 -3.19
CA ALA C 54 -13.04 -32.62 -3.80
C ALA C 54 -11.99 -33.36 -4.58
N GLY C 55 -11.34 -34.33 -3.96
CA GLY C 55 -10.12 -34.92 -4.52
C GLY C 55 -9.01 -33.84 -4.53
N THR C 56 -7.84 -34.13 -5.09
CA THR C 56 -6.76 -33.12 -5.12
C THR C 56 -6.75 -32.31 -6.42
N ASN C 57 -6.78 -30.98 -6.29
CA ASN C 57 -6.53 -30.09 -7.40
C ASN C 57 -5.22 -29.33 -7.25
N THR C 58 -4.29 -29.59 -8.17
CA THR C 58 -2.97 -28.98 -8.21
C THR C 58 -2.86 -28.02 -9.38
N VAL C 59 -2.61 -26.74 -9.10
CA VAL C 59 -2.42 -25.73 -10.17
C VAL C 59 -0.92 -25.42 -10.26
N LEU C 60 -0.39 -25.60 -11.45
CA LEU C 60 1.03 -25.36 -11.70
C LEU C 60 1.18 -24.21 -12.69
N GLU C 61 2.26 -23.47 -12.52
CA GLU C 61 2.71 -22.53 -13.54
C GLU C 61 4.01 -23.07 -14.02
N LEU C 62 4.09 -23.30 -15.33
CA LEU C 62 5.28 -23.80 -15.98
C LEU C 62 5.83 -22.74 -16.91
N LEU C 63 7.11 -22.47 -16.76
CA LEU C 63 7.82 -21.69 -17.75
C LEU C 63 8.37 -22.66 -18.80
N ILE C 64 7.98 -22.46 -20.07
CA ILE C 64 8.41 -23.44 -21.08
C ILE C 64 9.08 -22.69 -22.24
N ALA C 65 9.91 -23.43 -22.98
CA ALA C 65 10.65 -22.87 -24.12
C ALA C 65 10.58 -23.83 -25.31
N PRO C 66 10.64 -23.29 -26.57
CA PRO C 66 10.69 -24.17 -27.76
C PRO C 66 12.00 -24.92 -27.80
N THR C 67 12.01 -26.07 -28.44
CA THR C 67 13.23 -26.85 -28.66
C THR C 67 13.38 -26.95 -30.15
N SER C 68 14.40 -27.68 -30.61
CA SER C 68 14.43 -27.91 -32.06
C SER C 68 13.91 -29.31 -32.44
N CYS C 69 13.35 -30.02 -31.46
CA CYS C 69 12.74 -31.29 -31.70
C CYS C 69 11.38 -31.08 -32.35
N ARG C 70 11.25 -31.49 -33.61
CA ARG C 70 10.00 -31.34 -34.33
C ARG C 70 9.09 -32.42 -33.84
N LYS C 71 7.82 -32.08 -33.63
CA LYS C 71 6.77 -33.08 -33.31
C LYS C 71 6.55 -34.14 -34.43
N ASN C 72 6.94 -33.83 -35.67
CA ASN C 72 6.84 -34.79 -36.80
C ASN C 72 8.04 -35.72 -36.92
N GLU C 73 8.61 -36.06 -35.78
CA GLU C 73 9.83 -36.82 -35.71
C GLU C 73 9.86 -37.75 -34.51
N THR C 74 11.06 -38.22 -34.23
CA THR C 74 11.38 -39.06 -33.09
C THR C 74 12.86 -38.76 -32.81
N SER C 75 13.03 -37.78 -31.95
CA SER C 75 14.31 -37.27 -31.58
C SER C 75 15.12 -38.35 -30.93
N ALA C 76 16.41 -38.32 -31.16
CA ALA C 76 17.37 -39.22 -30.53
C ALA C 76 17.66 -38.96 -29.06
N GLY C 77 16.93 -38.05 -28.42
CA GLY C 77 17.13 -37.81 -27.00
C GLY C 77 16.38 -36.73 -26.26
N ASN C 78 17.07 -36.12 -25.32
CA ASN C 78 16.57 -34.96 -24.62
C ASN C 78 16.28 -33.90 -25.65
N CYS C 79 15.32 -33.05 -25.36
CA CYS C 79 15.06 -31.95 -26.25
C CYS C 79 15.39 -30.63 -25.58
N GLU C 80 16.47 -29.99 -26.03
CA GLU C 80 17.00 -28.79 -25.32
C GLU C 80 16.43 -27.44 -25.73
N ALA C 81 16.10 -26.60 -24.72
CA ALA C 81 15.57 -25.25 -24.95
C ALA C 81 16.54 -24.51 -25.82
N VAL C 82 16.02 -23.68 -26.71
CA VAL C 82 16.88 -22.96 -27.66
C VAL C 82 16.73 -21.46 -27.40
N SER C 83 17.79 -20.71 -27.70
CA SER C 83 17.91 -19.27 -27.38
C SER C 83 16.78 -18.33 -27.80
N ASN C 84 16.25 -18.51 -28.99
CA ASN C 84 14.99 -17.87 -29.25
C ASN C 84 13.93 -18.89 -29.51
N GLY C 85 12.80 -18.39 -29.98
CA GLY C 85 11.55 -18.99 -29.68
C GLY C 85 11.22 -18.28 -28.38
N THR C 86 10.04 -17.70 -28.32
CA THR C 86 9.63 -17.01 -27.15
C THR C 86 9.20 -18.02 -26.14
N LYS C 87 9.62 -17.83 -24.90
CA LYS C 87 9.18 -18.64 -23.79
C LYS C 87 7.71 -18.39 -23.47
N GLN C 88 7.06 -19.38 -22.88
CA GLN C 88 5.69 -19.17 -22.44
C GLN C 88 5.50 -19.58 -21.01
N ILE C 89 4.47 -19.02 -20.40
CA ILE C 89 4.00 -19.44 -19.08
C ILE C 89 2.62 -20.04 -19.25
N CYS C 90 2.52 -21.29 -18.83
CA CYS C 90 1.29 -22.02 -18.93
C CYS C 90 0.83 -22.31 -17.53
N THR C 91 -0.44 -21.97 -17.27
CA THR C 91 -1.19 -22.40 -16.11
C THR C 91 -1.89 -23.73 -16.47
N VAL C 92 -1.59 -24.74 -15.65
CA VAL C 92 -2.10 -26.09 -15.80
C VAL C 92 -2.75 -26.52 -14.47
N ALA C 93 -3.94 -27.13 -14.57
CA ALA C 93 -4.67 -27.65 -13.41
C ALA C 93 -4.74 -29.17 -13.57
N ILE C 94 -4.30 -29.87 -12.53
CA ILE C 94 -4.42 -31.29 -12.53
C ILE C 94 -5.29 -31.78 -11.38
N TRP C 95 -6.32 -32.56 -11.76
CA TRP C 95 -7.41 -32.99 -10.86
C TRP C 95 -7.43 -34.47 -10.70
N GLU C 96 -7.25 -34.90 -9.45
CA GLU C 96 -7.17 -36.33 -9.13
C GLU C 96 -8.28 -36.84 -8.20
N LYS C 97 -8.93 -37.91 -8.63
CA LYS C 97 -9.99 -38.59 -7.85
C LYS C 97 -9.68 -40.07 -7.83
N PRO C 98 -8.83 -40.52 -6.88
CA PRO C 98 -8.32 -41.89 -6.91
C PRO C 98 -9.38 -42.99 -6.65
N TRP C 99 -10.58 -42.60 -6.21
CA TRP C 99 -11.72 -43.55 -6.14
C TRP C 99 -12.46 -43.74 -7.46
N GLU C 100 -12.29 -42.79 -8.41
CA GLU C 100 -12.79 -42.94 -9.80
C GLU C 100 -11.67 -43.36 -10.72
N ASN C 101 -10.51 -43.62 -10.10
CA ASN C 101 -9.25 -43.86 -10.80
C ASN C 101 -8.97 -42.75 -11.82
N PHE C 102 -9.30 -41.52 -11.46
CA PHE C 102 -9.45 -40.43 -12.37
C PHE C 102 -8.30 -39.39 -12.20
N GLU C 103 -7.66 -39.07 -13.30
CA GLU C 103 -6.67 -37.99 -13.29
C GLU C 103 -6.85 -37.22 -14.56
N GLU C 104 -7.33 -35.98 -14.42
CA GLU C 104 -7.59 -35.09 -15.50
C GLU C 104 -6.66 -33.83 -15.51
N ILE C 105 -5.91 -33.66 -16.60
CA ILE C 105 -4.97 -32.54 -16.76
C ILE C 105 -5.58 -31.50 -17.75
N THR C 106 -5.86 -30.30 -17.23
CA THR C 106 -6.42 -29.19 -17.98
C THR C 106 -5.36 -28.08 -18.23
N ILE C 107 -4.97 -27.84 -19.49
CA ILE C 107 -4.13 -26.67 -19.78
C ILE C 107 -5.02 -25.45 -19.78
N LYS C 108 -4.81 -24.56 -18.82
CA LYS C 108 -5.77 -23.51 -18.56
C LYS C 108 -5.57 -22.32 -19.48
N GLU C 109 -4.30 -22.03 -19.75
CA GLU C 109 -3.90 -20.92 -20.61
C GLU C 109 -2.39 -21.01 -20.71
N CYS C 110 -1.86 -20.72 -21.89
CA CYS C 110 -0.46 -20.34 -22.10
C CYS C 110 -0.35 -18.89 -22.65
N LYS C 111 0.68 -18.15 -22.28
CA LYS C 111 0.83 -16.82 -22.82
C LYS C 111 2.31 -16.52 -22.88
N SER C 112 2.68 -15.51 -23.69
CA SER C 112 4.08 -15.10 -23.87
C SER C 112 4.64 -14.56 -22.59
N ALA C 113 5.82 -15.05 -22.26
CA ALA C 113 6.58 -14.55 -21.14
C ALA C 113 7.81 -13.87 -21.72
N GLY D 7 13.22 27.88 6.72
CA GLY D 7 13.77 26.67 7.40
C GLY D 7 12.77 25.53 7.39
N GLY D 8 11.63 25.72 8.03
CA GLY D 8 10.60 24.69 8.16
C GLY D 8 9.19 25.26 8.27
N PHE D 9 8.23 24.35 8.23
CA PHE D 9 6.85 24.77 8.20
C PHE D 9 6.30 25.17 9.55
N SER D 10 5.36 26.10 9.55
CA SER D 10 4.65 26.47 10.76
C SER D 10 3.10 26.49 10.58
N THR D 11 2.43 25.82 11.51
CA THR D 11 0.99 25.66 11.51
C THR D 11 0.33 26.99 11.48
N LYS D 12 -0.78 27.08 10.77
CA LYS D 12 -1.45 28.32 10.56
C LYS D 12 -2.92 28.03 10.79
N ASP D 13 -3.70 29.06 11.08
CA ASP D 13 -5.09 28.86 11.46
C ASP D 13 -6.01 28.84 10.25
N VAL D 14 -6.86 27.81 10.18
CA VAL D 14 -7.64 27.56 8.97
C VAL D 14 -8.77 28.57 8.84
N ASN D 15 -8.96 29.43 9.84
CA ASN D 15 -9.97 30.52 9.72
C ASN D 15 -9.33 31.89 9.46
N ASP D 16 -8.01 31.95 9.38
CA ASP D 16 -7.36 33.15 8.91
C ASP D 16 -8.04 33.61 7.61
N PRO D 17 -8.36 34.92 7.52
CA PRO D 17 -9.06 35.44 6.35
C PRO D 17 -8.24 35.24 5.09
N LYS D 18 -6.92 35.33 5.22
CA LYS D 18 -6.05 35.08 4.09
C LYS D 18 -6.02 33.58 3.71
N ILE D 19 -6.04 32.67 4.68
CA ILE D 19 -6.05 31.23 4.39
C ILE D 19 -7.34 30.87 3.66
N GLN D 20 -8.46 31.39 4.13
CA GLN D 20 -9.74 31.19 3.46
C GLN D 20 -9.73 31.62 1.97
N ALA D 21 -9.34 32.88 1.70
CA ALA D 21 -9.16 33.41 0.32
C ALA D 21 -8.34 32.42 -0.47
N LEU D 22 -7.16 32.06 0.04
CA LEU D 22 -6.35 31.08 -0.65
C LEU D 22 -7.05 29.74 -0.97
N ALA D 23 -7.77 29.18 0.02
CA ALA D 23 -8.54 27.91 -0.16
C ALA D 23 -9.54 28.04 -1.34
N GLY D 24 -10.23 29.17 -1.38
CA GLY D 24 -11.16 29.55 -2.42
C GLY D 24 -10.55 29.48 -3.79
N LYS D 25 -9.35 30.06 -3.91
CA LYS D 25 -8.66 30.11 -5.18
C LYS D 25 -8.17 28.72 -5.51
N ALA D 26 -7.75 27.94 -4.51
CA ALA D 26 -7.28 26.59 -4.83
C ALA D 26 -8.46 25.71 -5.31
N LEU D 27 -9.67 25.95 -4.78
CA LEU D 27 -10.87 25.30 -5.27
C LEU D 27 -11.18 25.61 -6.73
N GLN D 28 -11.16 26.90 -7.11
CA GLN D 28 -11.40 27.26 -8.48
C GLN D 28 -10.41 26.53 -9.35
N ARG D 29 -9.19 26.40 -8.88
CA ARG D 29 -8.19 25.70 -9.65
C ARG D 29 -8.50 24.20 -9.74
N ILE D 30 -8.96 23.58 -8.65
CA ILE D 30 -9.30 22.14 -8.69
C ILE D 30 -10.41 21.95 -9.73
N ASN D 31 -11.43 22.76 -9.70
CA ASN D 31 -12.54 22.63 -10.58
C ASN D 31 -12.19 22.88 -12.06
N ALA D 32 -11.35 23.91 -12.33
CA ALA D 32 -10.79 24.23 -13.69
C ALA D 32 -9.99 23.09 -14.35
N ALA D 33 -9.14 22.43 -13.55
CA ALA D 33 -8.33 21.30 -13.98
C ALA D 33 -8.97 19.89 -13.92
N SER D 34 -10.01 19.67 -13.10
CA SER D 34 -10.53 18.33 -12.83
C SER D 34 -11.36 17.73 -13.99
N ASN D 35 -11.16 16.45 -14.30
CA ASN D 35 -12.00 15.76 -15.32
C ASN D 35 -13.50 15.66 -15.00
N ASP D 36 -13.85 15.94 -13.75
CA ASP D 36 -15.21 15.79 -13.30
C ASP D 36 -16.07 16.79 -14.06
N LEU D 37 -17.27 16.39 -14.46
CA LEU D 37 -18.25 17.32 -15.05
C LEU D 37 -18.89 18.25 -14.03
N PHE D 38 -18.93 17.83 -12.76
CA PHE D 38 -19.63 18.57 -11.70
C PHE D 38 -18.62 19.35 -10.83
N GLN D 39 -18.95 20.59 -10.51
CA GLN D 39 -18.18 21.41 -9.55
C GLN D 39 -18.08 20.73 -8.20
N GLN D 40 -16.90 20.87 -7.60
CA GLN D 40 -16.66 20.49 -6.24
C GLN D 40 -16.75 21.73 -5.34
N THR D 41 -16.92 21.50 -4.05
CA THR D 41 -17.01 22.58 -3.10
C THR D 41 -16.19 22.19 -1.90
N ILE D 42 -15.82 23.18 -1.09
CA ILE D 42 -14.97 22.94 0.04
C ILE D 42 -15.94 22.61 1.16
N VAL D 43 -15.74 21.47 1.78
CA VAL D 43 -16.42 21.19 3.05
C VAL D 43 -15.69 21.92 4.18
N LYS D 44 -14.40 21.64 4.32
CA LYS D 44 -13.60 22.39 5.24
C LYS D 44 -12.13 22.42 4.84
N VAL D 45 -11.46 23.45 5.30
CA VAL D 45 -10.03 23.46 5.27
C VAL D 45 -9.53 22.58 6.45
N ILE D 46 -9.00 21.40 6.14
CA ILE D 46 -8.51 20.47 7.20
C ILE D 46 -7.26 21.05 7.91
N SER D 47 -6.29 21.52 7.12
CA SER D 47 -5.11 22.17 7.70
C SER D 47 -4.47 23.24 6.79
N ALA D 48 -3.49 23.97 7.34
CA ALA D 48 -2.82 25.06 6.69
C ALA D 48 -1.50 25.24 7.37
N LYS D 49 -0.43 25.36 6.59
CA LYS D 49 0.87 25.54 7.14
C LYS D 49 1.77 26.31 6.17
N THR D 50 2.48 27.30 6.69
CA THR D 50 3.28 28.17 5.85
C THR D 50 4.74 28.09 6.22
N GLN D 51 5.58 28.12 5.18
CA GLN D 51 6.99 28.33 5.31
C GLN D 51 7.43 29.53 4.50
N VAL D 52 8.60 30.05 4.86
CA VAL D 52 9.06 31.36 4.34
C VAL D 52 10.55 31.34 4.02
N VAL D 53 11.05 30.25 3.43
CA VAL D 53 12.43 30.19 2.98
C VAL D 53 12.66 31.08 1.74
N ALA D 54 11.77 30.98 0.74
CA ALA D 54 11.93 31.71 -0.51
C ALA D 54 10.58 32.22 -0.99
N GLY D 55 10.17 33.40 -0.53
CA GLY D 55 8.78 33.82 -0.63
C GLY D 55 7.93 32.91 0.29
N THR D 56 6.61 33.07 0.30
CA THR D 56 5.74 32.26 1.17
C THR D 56 5.20 31.01 0.43
N ASN D 57 5.42 29.84 1.04
CA ASN D 57 4.77 28.64 0.63
C ASN D 57 3.75 28.11 1.65
N THR D 58 2.49 28.10 1.24
CA THR D 58 1.38 27.65 2.05
C THR D 58 0.84 26.32 1.51
N VAL D 59 0.85 25.28 2.35
CA VAL D 59 0.31 23.98 1.95
C VAL D 59 -1.02 23.80 2.69
N LEU D 60 -2.06 23.54 1.92
CA LEU D 60 -3.38 23.39 2.47
C LEU D 60 -3.85 21.97 2.20
N GLU D 61 -4.73 21.49 3.07
CA GLU D 61 -5.47 20.26 2.87
C GLU D 61 -6.91 20.66 2.93
N LEU D 62 -7.63 20.37 1.85
CA LEU D 62 -9.01 20.76 1.68
C LEU D 62 -9.80 19.50 1.62
N LEU D 63 -10.86 19.46 2.41
CA LEU D 63 -11.84 18.42 2.29
C LEU D 63 -12.90 18.95 1.35
N ILE D 64 -13.11 18.26 0.20
CA ILE D 64 -14.05 18.75 -0.81
C ILE D 64 -15.12 17.70 -1.16
N ALA D 65 -16.27 18.19 -1.65
CA ALA D 65 -17.38 17.31 -2.00
C ALA D 65 -18.01 17.72 -3.33
N PRO D 66 -18.58 16.75 -4.08
CA PRO D 66 -19.26 17.10 -5.34
C PRO D 66 -20.52 17.86 -5.07
N THR D 67 -20.93 18.70 -6.00
CA THR D 67 -22.20 19.37 -5.94
C THR D 67 -22.99 18.95 -7.15
N SER D 68 -24.18 19.50 -7.31
CA SER D 68 -24.92 19.20 -8.49
C SER D 68 -24.80 20.26 -9.57
N CYS D 69 -23.92 21.21 -9.31
CA CYS D 69 -23.59 22.27 -10.23
C CYS D 69 -22.69 21.74 -11.35
N ARG D 70 -23.19 21.76 -12.56
CA ARG D 70 -22.44 21.27 -13.67
C ARG D 70 -21.48 22.31 -14.10
N LYS D 71 -20.28 21.90 -14.44
CA LYS D 71 -19.28 22.81 -14.98
C LYS D 71 -19.71 23.34 -16.35
N ASN D 72 -20.51 22.57 -17.04
CA ASN D 72 -21.02 22.95 -18.34
C ASN D 72 -22.18 23.88 -18.29
N GLU D 73 -22.19 24.77 -17.34
CA GLU D 73 -23.37 25.53 -17.03
C GLU D 73 -23.05 26.87 -16.45
N THR D 74 -23.99 27.39 -15.69
CA THR D 74 -23.86 28.65 -15.02
C THR D 74 -24.97 28.61 -13.98
N SER D 75 -24.59 28.38 -12.73
CA SER D 75 -25.53 28.05 -11.68
C SER D 75 -26.19 29.29 -11.16
N ALA D 76 -27.46 29.22 -10.79
CA ALA D 76 -28.17 30.37 -10.20
C ALA D 76 -27.59 30.87 -8.83
N GLY D 77 -26.59 30.16 -8.26
CA GLY D 77 -25.90 30.65 -7.06
C GLY D 77 -24.82 29.82 -6.40
N ASN D 78 -24.94 29.67 -5.08
CA ASN D 78 -24.11 28.77 -4.29
C ASN D 78 -24.23 27.36 -4.80
N CYS D 79 -23.13 26.62 -4.71
CA CYS D 79 -23.20 25.24 -5.12
C CYS D 79 -23.03 24.34 -3.93
N GLU D 80 -24.11 23.67 -3.53
CA GLU D 80 -24.12 22.90 -2.26
C GLU D 80 -23.68 21.45 -2.32
N ALA D 81 -22.83 21.04 -1.38
CA ALA D 81 -22.36 19.66 -1.28
C ALA D 81 -23.57 18.73 -1.23
N VAL D 82 -23.43 17.58 -1.84
CA VAL D 82 -24.57 16.66 -1.91
C VAL D 82 -24.13 15.38 -1.17
N SER D 83 -25.09 14.68 -0.53
CA SER D 83 -24.88 13.40 0.22
C SER D 83 -23.84 12.39 -0.30
N ASN D 84 -23.90 12.06 -1.58
CA ASN D 84 -22.85 11.34 -2.29
C ASN D 84 -22.33 12.30 -3.40
N GLY D 85 -21.29 11.98 -4.19
CA GLY D 85 -20.40 10.82 -4.04
C GLY D 85 -19.29 11.04 -3.02
N THR D 86 -18.13 10.49 -3.35
CA THR D 86 -17.03 10.53 -2.44
C THR D 86 -16.54 11.94 -2.28
N LYS D 87 -16.30 12.28 -1.03
CA LYS D 87 -15.53 13.42 -0.69
C LYS D 87 -14.07 13.12 -1.03
N GLN D 88 -13.32 14.17 -1.35
CA GLN D 88 -11.87 14.01 -1.49
C GLN D 88 -11.12 14.94 -0.57
N ILE D 89 -9.85 14.60 -0.37
CA ILE D 89 -8.88 15.43 0.30
C ILE D 89 -7.78 15.75 -0.71
N CYS D 90 -7.63 17.05 -0.90
CA CYS D 90 -6.67 17.59 -1.84
C CYS D 90 -5.63 18.37 -1.07
N THR D 91 -4.37 17.99 -1.29
CA THR D 91 -3.21 18.76 -0.88
C THR D 91 -2.87 19.78 -2.01
N VAL D 92 -2.85 21.05 -1.61
CA VAL D 92 -2.61 22.17 -2.48
C VAL D 92 -1.48 23.01 -1.90
N ALA D 93 -0.51 23.36 -2.76
CA ALA D 93 0.56 24.25 -2.40
C ALA D 93 0.36 25.59 -3.13
N ILE D 94 0.39 26.67 -2.37
CA ILE D 94 0.42 27.96 -2.97
C ILE D 94 1.69 28.76 -2.64
N TRP D 95 2.34 29.24 -3.71
CA TRP D 95 3.64 29.86 -3.68
C TRP D 95 3.61 31.29 -4.11
N GLU D 96 3.98 32.19 -3.20
CA GLU D 96 3.93 33.64 -3.48
C GLU D 96 5.27 34.34 -3.44
N LYS D 97 5.54 35.08 -4.50
CA LYS D 97 6.76 35.88 -4.60
C LYS D 97 6.36 37.26 -5.03
N PRO D 98 6.01 38.17 -4.07
CA PRO D 98 5.38 39.46 -4.41
C PRO D 98 6.33 40.47 -5.13
N TRP D 99 7.62 40.17 -5.19
CA TRP D 99 8.56 40.96 -5.99
C TRP D 99 8.58 40.53 -7.46
N GLU D 100 8.09 39.31 -7.76
CA GLU D 100 7.89 38.89 -9.15
C GLU D 100 6.42 39.04 -9.53
N ASN D 101 5.66 39.63 -8.60
CA ASN D 101 4.23 39.70 -8.66
C ASN D 101 3.63 38.32 -8.95
N PHE D 102 4.24 37.29 -8.34
CA PHE D 102 4.02 35.91 -8.68
C PHE D 102 3.14 35.17 -7.61
N GLU D 103 2.09 34.50 -8.07
CA GLU D 103 1.35 33.60 -7.20
C GLU D 103 1.00 32.38 -7.99
N GLU D 104 1.61 31.26 -7.62
CA GLU D 104 1.44 30.00 -8.30
C GLU D 104 0.75 28.95 -7.39
N ILE D 105 -0.40 28.44 -7.84
CA ILE D 105 -1.20 27.43 -7.07
C ILE D 105 -1.00 26.05 -7.72
N THR D 106 -0.41 25.12 -6.97
CA THR D 106 -0.16 23.75 -7.42
C THR D 106 -1.08 22.76 -6.69
N ILE D 107 -1.97 22.07 -7.42
CA ILE D 107 -2.73 20.97 -6.81
C ILE D 107 -1.82 19.77 -6.80
N LYS D 108 -1.48 19.29 -5.62
CA LYS D 108 -0.40 18.34 -5.44
C LYS D 108 -0.92 16.92 -5.61
N GLU D 109 -2.10 16.68 -5.07
CA GLU D 109 -2.78 15.39 -5.16
C GLU D 109 -4.16 15.62 -4.60
N CYS D 110 -5.16 14.96 -5.18
CA CYS D 110 -6.45 14.66 -4.54
C CYS D 110 -6.66 13.11 -4.37
N LYS D 111 -7.35 12.70 -3.33
CA LYS D 111 -7.59 11.28 -3.14
C LYS D 111 -8.89 11.14 -2.36
N SER D 112 -9.51 9.96 -2.51
CA SER D 112 -10.75 9.61 -1.81
C SER D 112 -10.57 9.67 -0.33
N ALA D 113 -11.50 10.35 0.31
CA ALA D 113 -11.59 10.37 1.73
C ALA D 113 -12.90 9.67 2.08
#